data_1HCZ
#
_entry.id   1HCZ
#
_cell.length_a   78.600
_cell.length_b   82.200
_cell.length_c   45.200
_cell.angle_alpha   90.00
_cell.angle_beta   90.00
_cell.angle_gamma   90.00
#
_symmetry.space_group_name_H-M   'P 21 21 21'
#
loop_
_entity.id
_entity.type
_entity.pdbx_description
1 polymer 'CYTOCHROME F'
2 non-polymer 'PROTOPORPHYRIN IX CONTAINING FE'
3 water water
#
_entity_poly.entity_id   1
_entity_poly.type   'polypeptide(L)'
_entity_poly.pdbx_seq_one_letter_code
;YPIFAQQNYENPREATGRIVCANCHLASKPVDIEVPQAVLPDTVFEAVVKIPYDMQLKQVLANGKKGALNVGAVLILPEG
FELAPPDRISPEMKEKIGNLSFQNYRPNKKNILVIGPVPGQKYSEITFPILAPDPATNKDVHFLKYPIYVGGNRGRGQIY
PDGSKSNNTVYNATAGGIISKILRKEKGGYEITIVDASNERQVIDIIPRGLELLVSEGESIKLDQPLTSNPNVGGFGQGD
AEIVLQDPLRVQ
;
_entity_poly.pdbx_strand_id   A
#
# COMPACT_ATOMS: atom_id res chain seq x y z
N TYR A 1 1.81 5.58 3.04
CA TYR A 1 3.22 5.52 2.60
C TYR A 1 4.02 4.50 3.39
N PRO A 2 5.10 3.98 2.80
CA PRO A 2 5.98 3.06 3.54
C PRO A 2 6.49 3.76 4.80
N ILE A 3 6.81 5.05 4.68
CA ILE A 3 7.31 5.78 5.83
C ILE A 3 6.32 5.75 7.02
N PHE A 4 5.02 5.82 6.73
CA PHE A 4 4.03 5.75 7.79
C PHE A 4 4.15 4.44 8.51
N ALA A 5 4.38 3.37 7.77
CA ALA A 5 4.52 2.09 8.41
C ALA A 5 5.83 2.11 9.20
N GLN A 6 6.90 2.57 8.56
CA GLN A 6 8.20 2.56 9.22
C GLN A 6 8.16 3.27 10.55
N GLN A 7 7.42 4.37 10.61
CA GLN A 7 7.31 5.18 11.81
C GLN A 7 6.38 4.66 12.89
N ASN A 8 5.34 3.94 12.50
CA ASN A 8 4.33 3.50 13.47
C ASN A 8 4.27 2.02 13.82
N TYR A 9 4.98 1.19 13.07
CA TYR A 9 4.98 -0.25 13.33
C TYR A 9 6.40 -0.77 13.34
N GLU A 10 6.76 -1.37 14.47
CA GLU A 10 8.08 -1.96 14.67
C GLU A 10 8.37 -3.03 13.62
N ASN A 11 7.36 -3.83 13.32
CA ASN A 11 7.47 -4.89 12.32
C ASN A 11 6.27 -4.80 11.37
N PRO A 12 6.52 -4.79 10.04
CA PRO A 12 5.44 -4.63 9.05
C PRO A 12 4.55 -5.85 8.86
N ARG A 13 4.92 -6.98 9.46
CA ARG A 13 4.10 -8.19 9.34
C ARG A 13 3.47 -8.59 10.69
N GLU A 14 2.15 -8.73 10.70
CA GLU A 14 1.42 -9.08 11.93
C GLU A 14 1.36 -10.58 12.14
N ALA A 15 1.05 -10.98 13.37
CA ALA A 15 1.02 -12.40 13.70
C ALA A 15 0.11 -13.18 12.78
N THR A 16 -0.90 -12.53 12.22
CA THR A 16 -1.83 -13.24 11.31
C THR A 16 -1.26 -13.36 9.91
N GLY A 17 -0.15 -12.66 9.66
CA GLY A 17 0.44 -12.67 8.34
C GLY A 17 0.03 -11.45 7.56
N ARG A 18 -0.85 -10.65 8.14
CA ARG A 18 -1.30 -9.44 7.48
C ARG A 18 -0.17 -8.44 7.51
N ILE A 19 0.03 -7.72 6.40
CA ILE A 19 1.06 -6.69 6.38
C ILE A 19 0.45 -5.34 6.69
N VAL A 20 1.10 -4.59 7.59
CA VAL A 20 0.53 -3.36 8.14
C VAL A 20 -0.05 -2.30 7.23
N CYS A 21 0.35 -2.28 5.95
CA CYS A 21 -0.19 -1.27 5.00
C CYS A 21 -1.72 -1.45 4.92
N ALA A 22 -2.16 -2.68 5.08
CA ALA A 22 -3.58 -3.02 4.99
C ALA A 22 -4.40 -2.29 6.04
N ASN A 23 -3.75 -1.78 7.08
CA ASN A 23 -4.49 -1.06 8.13
C ASN A 23 -5.01 0.30 7.67
N CYS A 24 -4.42 0.84 6.61
CA CYS A 24 -4.80 2.13 6.07
C CYS A 24 -5.19 2.09 4.59
N HIS A 25 -4.64 1.11 3.87
CA HIS A 25 -4.93 0.92 2.44
C HIS A 25 -5.94 -0.22 2.43
N LEU A 26 -7.22 0.15 2.49
CA LEU A 26 -8.35 -0.77 2.69
C LEU A 26 -8.87 -1.68 1.58
N ALA A 27 -8.62 -1.33 0.33
CA ALA A 27 -9.09 -2.19 -0.76
C ALA A 27 -8.02 -3.21 -1.14
N SER A 28 -8.48 -4.33 -1.64
CA SER A 28 -7.60 -5.42 -2.00
C SER A 28 -7.40 -5.49 -3.52
N LYS A 29 -6.14 -5.48 -3.94
CA LYS A 29 -5.80 -5.63 -5.34
C LYS A 29 -4.56 -6.51 -5.42
N PRO A 30 -4.50 -7.36 -6.43
CA PRO A 30 -3.43 -8.34 -6.59
C PRO A 30 -2.04 -7.80 -6.64
N VAL A 31 -1.14 -8.67 -6.24
CA VAL A 31 0.27 -8.39 -6.27
C VAL A 31 0.94 -9.73 -6.57
N ASP A 32 2.08 -9.70 -7.26
CA ASP A 32 2.77 -10.96 -7.53
C ASP A 32 4.26 -10.78 -7.24
N ILE A 33 4.92 -11.86 -6.86
CA ILE A 33 6.36 -11.80 -6.62
C ILE A 33 7.08 -13.00 -7.28
N GLU A 34 8.12 -12.71 -8.07
CA GLU A 34 8.91 -13.74 -8.74
C GLU A 34 10.35 -13.74 -8.24
N VAL A 35 10.84 -14.92 -7.90
CA VAL A 35 12.22 -15.10 -7.48
C VAL A 35 12.67 -16.44 -8.03
N PRO A 36 13.97 -16.61 -8.17
CA PRO A 36 14.51 -17.89 -8.65
C PRO A 36 14.13 -18.97 -7.68
N GLN A 37 14.11 -20.20 -8.16
CA GLN A 37 13.81 -21.32 -7.33
C GLN A 37 14.90 -21.56 -6.27
N ALA A 38 16.15 -21.27 -6.63
CA ALA A 38 17.28 -21.50 -5.74
C ALA A 38 18.35 -20.50 -6.07
N VAL A 39 19.27 -20.30 -5.15
CA VAL A 39 20.32 -19.32 -5.32
C VAL A 39 21.49 -19.80 -4.50
N LEU A 40 22.68 -19.54 -5.01
CA LEU A 40 23.89 -19.93 -4.32
C LEU A 40 24.30 -18.85 -3.37
N PRO A 41 25.03 -19.24 -2.35
CA PRO A 41 25.53 -18.32 -1.34
C PRO A 41 26.25 -17.13 -1.94
N ASP A 42 26.14 -15.99 -1.27
CA ASP A 42 26.84 -14.80 -1.66
C ASP A 42 26.68 -14.44 -3.12
N THR A 43 25.49 -14.67 -3.67
CA THR A 43 25.25 -14.24 -5.06
C THR A 43 24.01 -13.35 -5.11
N VAL A 44 23.96 -12.47 -6.09
CA VAL A 44 22.83 -11.56 -6.25
C VAL A 44 21.70 -12.17 -7.06
N PHE A 45 20.46 -11.95 -6.61
CA PHE A 45 19.29 -12.43 -7.35
C PHE A 45 18.21 -11.35 -7.35
N GLU A 46 17.29 -11.49 -8.29
CA GLU A 46 16.23 -10.52 -8.44
C GLU A 46 14.94 -10.99 -7.80
N ALA A 47 14.30 -10.09 -7.06
CA ALA A 47 12.97 -10.40 -6.53
C ALA A 47 12.10 -9.42 -7.30
N VAL A 48 11.32 -9.96 -8.24
CA VAL A 48 10.44 -9.15 -9.10
C VAL A 48 8.98 -9.08 -8.59
N VAL A 49 8.58 -7.86 -8.26
CA VAL A 49 7.29 -7.56 -7.68
C VAL A 49 6.37 -6.83 -8.65
N LYS A 50 5.19 -7.40 -8.86
CA LYS A 50 4.21 -6.78 -9.75
C LYS A 50 3.03 -6.21 -8.95
N ILE A 51 2.70 -4.95 -9.21
CA ILE A 51 1.62 -4.23 -8.53
C ILE A 51 0.76 -3.64 -9.65
N PRO A 52 0.09 -4.51 -10.40
CA PRO A 52 -0.69 -4.13 -11.57
C PRO A 52 -1.99 -3.33 -11.32
N TYR A 53 -2.31 -2.44 -12.24
CA TYR A 53 -3.55 -1.71 -12.19
C TYR A 53 -3.85 -1.08 -13.55
N ASP A 54 -5.13 -0.82 -13.80
CA ASP A 54 -5.59 -0.18 -15.03
C ASP A 54 -5.01 1.20 -15.13
N MET A 55 -4.00 1.33 -15.97
CA MET A 55 -3.32 2.59 -16.15
C MET A 55 -4.23 3.70 -16.61
N GLN A 56 -5.45 3.41 -17.00
CA GLN A 56 -6.33 4.53 -17.41
C GLN A 56 -6.96 5.19 -16.18
N LEU A 57 -6.88 4.52 -15.04
CA LEU A 57 -7.49 5.02 -13.80
C LEU A 57 -6.90 6.34 -13.32
N LYS A 58 -7.78 7.22 -12.84
CA LYS A 58 -7.35 8.47 -12.19
C LYS A 58 -7.98 8.49 -10.79
N GLN A 59 -7.19 8.85 -9.77
CA GLN A 59 -7.70 8.83 -8.42
C GLN A 59 -7.92 10.23 -7.91
N VAL A 60 -8.70 10.32 -6.84
CA VAL A 60 -8.91 11.62 -6.18
C VAL A 60 -7.62 11.92 -5.41
N LEU A 61 -7.09 13.12 -5.58
CA LEU A 61 -5.86 13.50 -4.93
C LEU A 61 -6.21 14.26 -3.69
N ALA A 62 -5.21 14.62 -2.90
CA ALA A 62 -5.46 15.37 -1.68
C ALA A 62 -6.24 16.66 -1.96
N ASN A 63 -5.93 17.30 -3.08
CA ASN A 63 -6.59 18.55 -3.44
C ASN A 63 -8.00 18.42 -4.04
N GLY A 64 -8.50 17.21 -4.21
CA GLY A 64 -9.86 17.07 -4.73
C GLY A 64 -9.92 16.85 -6.24
N LYS A 65 -8.79 17.07 -6.90
CA LYS A 65 -8.70 16.84 -8.35
C LYS A 65 -8.31 15.41 -8.61
N LYS A 66 -8.45 14.97 -9.86
CA LYS A 66 -8.09 13.58 -10.21
C LYS A 66 -6.65 13.51 -10.73
N GLY A 67 -5.95 12.44 -10.39
CA GLY A 67 -4.57 12.36 -10.84
C GLY A 67 -4.09 10.94 -10.93
N ALA A 68 -2.81 10.81 -11.22
CA ALA A 68 -2.17 9.52 -11.41
C ALA A 68 -1.91 8.81 -10.08
N LEU A 69 -1.73 7.49 -10.16
CA LEU A 69 -1.40 6.68 -8.99
C LEU A 69 0.10 6.48 -8.81
N ASN A 70 0.51 6.28 -7.57
CA ASN A 70 1.90 5.98 -7.24
C ASN A 70 1.88 4.61 -6.58
N VAL A 71 3.03 3.93 -6.56
CA VAL A 71 3.07 2.58 -6.01
C VAL A 71 4.20 2.48 -4.98
N GLY A 72 4.16 1.44 -4.16
CA GLY A 72 5.17 1.27 -3.13
C GLY A 72 5.06 -0.14 -2.64
N ALA A 73 6.13 -0.62 -2.00
CA ALA A 73 6.20 -1.99 -1.50
C ALA A 73 7.13 -2.18 -0.29
N VAL A 74 6.88 -3.26 0.45
CA VAL A 74 7.75 -3.66 1.54
C VAL A 74 8.03 -5.13 1.28
N LEU A 75 9.32 -5.48 1.31
CA LEU A 75 9.78 -6.82 1.03
C LEU A 75 10.46 -7.33 2.28
N ILE A 76 10.04 -8.49 2.73
CA ILE A 76 10.51 -9.07 3.96
C ILE A 76 11.28 -10.37 3.67
N LEU A 77 12.58 -10.30 3.91
CA LEU A 77 13.49 -11.43 3.68
C LEU A 77 13.81 -12.07 4.98
N PRO A 78 14.40 -13.25 4.92
CA PRO A 78 14.88 -13.93 6.13
C PRO A 78 16.06 -13.14 6.64
N GLU A 79 16.39 -13.28 7.93
CA GLU A 79 17.57 -12.58 8.47
C GLU A 79 18.82 -13.08 7.74
N GLY A 80 19.72 -12.16 7.40
CA GLY A 80 20.92 -12.52 6.66
C GLY A 80 20.87 -12.06 5.20
N PHE A 81 19.69 -12.09 4.59
CA PHE A 81 19.51 -11.58 3.23
C PHE A 81 19.52 -10.08 3.30
N GLU A 82 20.06 -9.40 2.29
CA GLU A 82 20.12 -7.94 2.29
C GLU A 82 19.99 -7.43 0.91
N LEU A 83 19.86 -6.11 0.83
CA LEU A 83 19.86 -5.41 -0.45
C LEU A 83 21.31 -5.52 -0.97
N ALA A 84 21.46 -5.90 -2.23
CA ALA A 84 22.78 -5.98 -2.85
C ALA A 84 23.37 -4.56 -2.96
N PRO A 85 24.66 -4.41 -2.61
CA PRO A 85 25.30 -3.12 -2.77
C PRO A 85 25.53 -2.89 -4.26
N PRO A 86 25.82 -1.65 -4.65
CA PRO A 86 26.01 -1.30 -6.05
C PRO A 86 27.17 -2.02 -6.74
N ASP A 87 28.26 -2.25 -6.02
CA ASP A 87 29.44 -2.92 -6.57
C ASP A 87 29.17 -4.38 -6.94
N ARG A 88 28.04 -4.93 -6.51
CA ARG A 88 27.74 -6.33 -6.84
C ARG A 88 26.66 -6.46 -7.91
N ILE A 89 26.12 -5.33 -8.35
CA ILE A 89 25.03 -5.35 -9.31
C ILE A 89 25.54 -5.08 -10.74
N SER A 90 25.19 -5.94 -11.70
CA SER A 90 25.63 -5.76 -13.08
C SER A 90 25.03 -4.52 -13.68
N PRO A 91 25.69 -3.94 -14.71
CA PRO A 91 25.17 -2.70 -15.30
C PRO A 91 23.80 -2.92 -15.97
N GLU A 92 23.60 -4.15 -16.39
CA GLU A 92 22.37 -4.55 -17.01
C GLU A 92 21.29 -4.53 -15.93
N MET A 93 21.57 -5.23 -14.84
CA MET A 93 20.66 -5.31 -13.71
C MET A 93 20.36 -3.88 -13.29
N LYS A 94 21.41 -3.09 -13.29
CA LYS A 94 21.33 -1.70 -12.89
C LYS A 94 20.23 -0.97 -13.66
N GLU A 95 20.27 -1.07 -14.98
CA GLU A 95 19.27 -0.38 -15.76
C GLU A 95 17.90 -1.05 -15.69
N LYS A 96 17.86 -2.34 -15.44
CA LYS A 96 16.59 -3.03 -15.31
C LYS A 96 15.94 -2.47 -14.06
N ILE A 97 16.71 -2.32 -12.99
CA ILE A 97 16.18 -1.78 -11.74
C ILE A 97 15.71 -0.36 -11.92
N GLY A 98 16.57 0.47 -12.48
CA GLY A 98 16.16 1.84 -12.66
C GLY A 98 16.62 2.71 -11.51
N ASN A 99 16.12 3.93 -11.54
CA ASN A 99 16.44 5.00 -10.60
C ASN A 99 15.91 4.82 -9.16
N LEU A 100 15.62 3.59 -8.76
CA LEU A 100 15.08 3.32 -7.44
C LEU A 100 16.05 3.45 -6.26
N SER A 101 15.56 4.03 -5.18
CA SER A 101 16.32 4.17 -3.95
C SER A 101 15.73 3.26 -2.84
N PHE A 102 16.06 1.97 -2.85
CA PHE A 102 15.58 1.06 -1.80
C PHE A 102 16.08 1.49 -0.43
N GLN A 103 15.28 1.27 0.62
CA GLN A 103 15.70 1.64 1.98
C GLN A 103 15.39 0.50 2.91
N ASN A 104 16.16 0.42 3.99
CA ASN A 104 15.96 -0.55 5.06
C ASN A 104 14.76 -0.03 5.85
N TYR A 105 13.88 -0.95 6.27
CA TYR A 105 12.67 -0.59 6.99
C TYR A 105 13.05 0.28 8.18
N ARG A 106 14.13 -0.14 8.83
CA ARG A 106 14.76 0.56 9.97
C ARG A 106 16.26 0.23 9.84
N PRO A 107 17.13 1.13 10.31
CA PRO A 107 18.57 0.90 10.12
C PRO A 107 19.06 -0.46 10.62
N ASN A 108 18.43 -0.96 11.67
CA ASN A 108 18.76 -2.28 12.22
C ASN A 108 18.09 -3.44 11.46
N LYS A 109 17.17 -3.12 10.56
CA LYS A 109 16.46 -4.15 9.84
C LYS A 109 16.90 -4.17 8.41
N LYS A 110 18.01 -4.84 8.14
CA LYS A 110 18.54 -4.96 6.80
C LYS A 110 17.81 -6.00 5.97
N ASN A 111 17.04 -6.88 6.62
CA ASN A 111 16.32 -7.88 5.87
C ASN A 111 14.91 -7.43 5.45
N ILE A 112 14.59 -6.16 5.68
CA ILE A 112 13.29 -5.65 5.25
C ILE A 112 13.50 -4.38 4.49
N LEU A 113 13.07 -4.39 3.23
CA LEU A 113 13.26 -3.27 2.30
C LEU A 113 11.95 -2.61 1.94
N VAL A 114 11.99 -1.29 1.77
CA VAL A 114 10.80 -0.57 1.34
C VAL A 114 11.15 0.27 0.13
N ILE A 115 10.13 0.61 -0.65
CA ILE A 115 10.33 1.42 -1.80
C ILE A 115 9.03 2.15 -2.06
N GLY A 116 9.14 3.39 -2.53
CA GLY A 116 7.98 4.19 -2.83
C GLY A 116 7.77 5.32 -1.85
N PRO A 117 6.89 6.24 -2.18
CA PRO A 117 6.08 6.23 -3.40
C PRO A 117 6.83 6.64 -4.67
N VAL A 118 6.55 5.90 -5.75
CA VAL A 118 7.15 6.17 -7.07
C VAL A 118 6.02 5.98 -8.06
N PRO A 119 6.11 6.64 -9.24
CA PRO A 119 5.02 6.59 -10.22
C PRO A 119 4.66 5.22 -10.72
N GLY A 120 3.37 4.93 -10.67
CA GLY A 120 2.90 3.66 -11.15
C GLY A 120 3.15 3.48 -12.64
N GLN A 121 3.12 4.58 -13.38
CA GLN A 121 3.35 4.54 -14.83
C GLN A 121 4.64 3.76 -15.14
N LYS A 122 5.71 4.12 -14.45
CA LYS A 122 6.99 3.44 -14.63
C LYS A 122 7.21 2.19 -13.79
N TYR A 123 6.74 2.21 -12.56
CA TYR A 123 7.06 1.11 -11.69
C TYR A 123 5.99 0.10 -11.30
N SER A 124 5.07 -0.19 -12.20
CA SER A 124 4.09 -1.23 -11.93
C SER A 124 4.83 -2.57 -11.67
N GLU A 125 6.10 -2.62 -12.08
CA GLU A 125 6.92 -3.80 -11.84
C GLU A 125 8.21 -3.30 -11.27
N ILE A 126 8.62 -3.89 -10.17
CA ILE A 126 9.80 -3.42 -9.47
C ILE A 126 10.74 -4.57 -9.19
N THR A 127 12.02 -4.35 -9.49
CA THR A 127 13.02 -5.40 -9.30
C THR A 127 13.93 -5.04 -8.14
N PHE A 128 13.89 -5.87 -7.10
CA PHE A 128 14.74 -5.70 -5.92
C PHE A 128 15.99 -6.56 -6.13
N PRO A 129 17.17 -5.95 -6.06
CA PRO A 129 18.43 -6.71 -6.19
C PRO A 129 18.83 -7.25 -4.79
N ILE A 130 18.73 -8.56 -4.61
CA ILE A 130 19.00 -9.14 -3.32
C ILE A 130 20.32 -9.94 -3.21
N LEU A 131 21.09 -9.70 -2.15
CA LEU A 131 22.30 -10.50 -1.93
C LEU A 131 22.07 -11.63 -0.95
N ALA A 132 22.19 -12.86 -1.44
CA ALA A 132 22.04 -14.04 -0.61
C ALA A 132 23.21 -14.12 0.39
N PRO A 133 22.94 -14.59 1.64
CA PRO A 133 24.03 -14.73 2.63
C PRO A 133 24.84 -16.01 2.38
N ASP A 134 25.73 -16.33 3.31
CA ASP A 134 26.60 -17.48 3.14
C ASP A 134 26.73 -18.31 4.39
N PRO A 135 26.18 -19.52 4.36
CA PRO A 135 26.26 -20.41 5.51
C PRO A 135 27.70 -20.62 5.96
N ALA A 136 28.64 -20.48 5.04
CA ALA A 136 30.05 -20.68 5.37
C ALA A 136 30.60 -19.51 6.17
N THR A 137 29.93 -18.39 6.04
CA THR A 137 30.33 -17.15 6.69
C THR A 137 29.44 -16.75 7.86
N ASN A 138 28.23 -17.29 7.90
CA ASN A 138 27.25 -16.94 8.91
C ASN A 138 26.67 -18.19 9.52
N LYS A 139 26.76 -18.29 10.84
CA LYS A 139 26.30 -19.46 11.59
C LYS A 139 24.79 -19.59 11.71
N ASP A 140 24.08 -18.48 11.63
CA ASP A 140 22.65 -18.53 11.76
C ASP A 140 21.97 -18.78 10.42
N VAL A 141 22.77 -18.96 9.37
CA VAL A 141 22.23 -19.22 8.05
C VAL A 141 22.50 -20.67 7.67
N HIS A 142 21.62 -21.26 6.88
CA HIS A 142 21.80 -22.64 6.47
C HIS A 142 21.26 -22.84 5.06
N PHE A 143 21.56 -24.01 4.49
CA PHE A 143 21.07 -24.34 3.18
C PHE A 143 19.65 -24.86 3.37
N LEU A 144 18.68 -23.96 3.29
CA LEU A 144 17.28 -24.31 3.54
C LEU A 144 16.37 -23.63 2.56
N LYS A 145 15.09 -24.02 2.61
CA LYS A 145 14.06 -23.32 1.88
C LYS A 145 13.69 -22.15 2.83
N TYR A 146 13.64 -20.94 2.28
CA TYR A 146 13.33 -19.73 3.01
C TYR A 146 12.13 -19.02 2.39
N PRO A 147 11.23 -18.50 3.23
CA PRO A 147 10.08 -17.75 2.71
C PRO A 147 10.45 -16.29 2.46
N ILE A 148 9.74 -15.67 1.53
CA ILE A 148 9.90 -14.25 1.27
C ILE A 148 8.49 -13.69 1.21
N TYR A 149 8.27 -12.50 1.77
CA TYR A 149 6.91 -11.95 1.79
C TYR A 149 6.95 -10.57 1.25
N VAL A 150 5.89 -10.20 0.54
CA VAL A 150 5.82 -8.85 -0.02
C VAL A 150 4.40 -8.26 0.17
N GLY A 151 4.37 -6.95 0.31
CA GLY A 151 3.10 -6.27 0.37
C GLY A 151 3.28 -5.17 -0.65
N GLY A 152 2.33 -4.98 -1.55
CA GLY A 152 2.50 -3.93 -2.55
C GLY A 152 1.25 -3.07 -2.69
N ASN A 153 1.43 -1.76 -2.83
CA ASN A 153 0.29 -0.87 -2.89
C ASN A 153 0.26 0.00 -4.11
N ARG A 154 -0.94 0.37 -4.52
CA ARG A 154 -1.08 1.39 -5.54
C ARG A 154 -2.23 2.28 -5.07
N GLY A 155 -2.02 3.60 -5.13
CA GLY A 155 -3.10 4.52 -4.77
C GLY A 155 -3.12 5.02 -3.33
N ARG A 156 -3.69 6.21 -3.14
CA ARG A 156 -3.77 6.86 -1.82
C ARG A 156 -4.57 6.04 -0.80
N GLY A 157 -4.12 6.07 0.46
CA GLY A 157 -4.80 5.31 1.49
C GLY A 157 -6.05 6.04 2.00
N GLN A 158 -6.79 5.33 2.84
CA GLN A 158 -8.07 5.77 3.40
C GLN A 158 -8.00 6.42 4.81
N ILE A 159 -6.92 6.16 5.54
CA ILE A 159 -6.76 6.62 6.91
C ILE A 159 -5.37 7.13 7.18
N TYR A 160 -5.29 8.20 7.95
CA TYR A 160 -4.01 8.77 8.31
C TYR A 160 -3.48 8.19 9.59
N PRO A 161 -2.20 8.46 9.90
CA PRO A 161 -1.61 7.89 11.12
C PRO A 161 -2.41 8.28 12.37
N ASP A 162 -3.02 9.46 12.36
CA ASP A 162 -3.79 9.95 13.50
C ASP A 162 -5.18 9.35 13.54
N GLY A 163 -5.44 8.44 12.63
CA GLY A 163 -6.73 7.80 12.61
C GLY A 163 -7.83 8.55 11.87
N SER A 164 -7.56 9.76 11.39
CA SER A 164 -8.60 10.47 10.64
C SER A 164 -8.67 9.97 9.18
N LYS A 165 -9.86 10.03 8.59
CA LYS A 165 -10.07 9.60 7.22
C LYS A 165 -9.45 10.57 6.25
N SER A 166 -9.10 10.08 5.07
CA SER A 166 -8.61 10.95 4.01
C SER A 166 -9.84 11.22 3.14
N ASN A 167 -9.69 11.99 2.07
CA ASN A 167 -10.77 12.17 1.13
C ASN A 167 -10.86 11.04 0.15
N ASN A 168 -9.98 10.04 0.27
CA ASN A 168 -10.04 8.91 -0.66
C ASN A 168 -10.82 7.76 -0.08
N THR A 169 -11.99 8.05 0.47
CA THR A 169 -12.80 7.00 1.02
C THR A 169 -14.28 7.40 1.01
N VAL A 170 -15.14 6.47 1.33
CA VAL A 170 -16.57 6.73 1.31
C VAL A 170 -17.01 7.54 2.56
N TYR A 171 -17.98 8.42 2.37
CA TYR A 171 -18.48 9.21 3.50
C TYR A 171 -19.88 8.75 3.86
N ASN A 172 -20.02 8.33 5.10
CA ASN A 172 -21.28 7.76 5.59
C ASN A 172 -22.06 8.71 6.50
N ALA A 173 -23.37 8.57 6.52
CA ALA A 173 -24.19 9.42 7.35
C ALA A 173 -23.86 9.23 8.83
N THR A 174 -23.71 10.34 9.58
CA THR A 174 -23.46 10.25 11.03
C THR A 174 -24.76 10.18 11.83
N ALA A 175 -25.89 10.29 11.14
CA ALA A 175 -27.20 10.19 11.76
C ALA A 175 -28.15 9.64 10.71
N GLY A 176 -29.16 8.90 11.15
CA GLY A 176 -30.19 8.43 10.25
C GLY A 176 -31.24 9.54 10.29
N GLY A 177 -32.00 9.71 9.23
CA GLY A 177 -32.99 10.77 9.23
C GLY A 177 -33.35 11.13 7.82
N ILE A 178 -33.88 12.34 7.66
CA ILE A 178 -34.26 12.80 6.37
C ILE A 178 -33.38 13.99 6.04
N ILE A 179 -32.93 14.07 4.79
CA ILE A 179 -32.09 15.18 4.37
C ILE A 179 -32.93 16.38 4.09
N SER A 180 -32.74 17.46 4.85
CA SER A 180 -33.53 18.66 4.62
C SER A 180 -32.83 19.68 3.75
N LYS A 181 -31.52 19.56 3.61
CA LYS A 181 -30.79 20.54 2.83
C LYS A 181 -29.46 19.99 2.36
N ILE A 182 -29.09 20.36 1.15
CA ILE A 182 -27.80 19.98 0.63
C ILE A 182 -27.18 21.25 0.09
N LEU A 183 -26.12 21.69 0.74
CA LEU A 183 -25.44 22.90 0.32
C LEU A 183 -24.24 22.54 -0.52
N ARG A 184 -24.25 23.02 -1.75
CA ARG A 184 -23.13 22.77 -2.64
C ARG A 184 -22.15 23.87 -2.43
N LYS A 185 -20.93 23.54 -2.05
CA LYS A 185 -19.96 24.58 -1.89
C LYS A 185 -19.34 25.07 -3.23
N GLU A 186 -18.92 26.32 -3.24
CA GLU A 186 -18.36 27.00 -4.41
C GLU A 186 -17.22 26.24 -5.08
N LYS A 187 -16.17 25.95 -4.30
CA LYS A 187 -15.00 25.22 -4.76
C LYS A 187 -15.10 23.69 -4.64
N GLY A 188 -16.32 23.19 -4.49
CA GLY A 188 -16.56 21.76 -4.37
C GLY A 188 -16.86 21.27 -2.96
N GLY A 189 -17.56 20.14 -2.86
CA GLY A 189 -17.89 19.61 -1.55
C GLY A 189 -19.29 20.06 -1.16
N TYR A 190 -19.80 19.52 -0.06
CA TYR A 190 -21.16 19.84 0.33
C TYR A 190 -21.33 19.88 1.81
N GLU A 191 -22.50 20.39 2.20
CA GLU A 191 -22.96 20.37 3.59
C GLU A 191 -24.33 19.77 3.53
N ILE A 192 -24.48 18.62 4.16
CA ILE A 192 -25.74 17.92 4.14
C ILE A 192 -26.40 18.01 5.51
N THR A 193 -27.54 18.67 5.55
CA THR A 193 -28.30 18.77 6.79
C THR A 193 -29.27 17.62 6.94
N ILE A 194 -29.12 16.86 8.00
CA ILE A 194 -29.96 15.71 8.26
C ILE A 194 -30.81 16.00 9.50
N VAL A 195 -32.10 15.73 9.43
CA VAL A 195 -32.95 15.88 10.60
C VAL A 195 -33.32 14.49 11.04
N ASP A 196 -32.88 14.12 12.22
CA ASP A 196 -33.16 12.80 12.76
C ASP A 196 -34.38 13.05 13.61
N ALA A 197 -35.54 12.90 12.99
CA ALA A 197 -36.79 13.18 13.69
C ALA A 197 -36.93 12.26 14.87
N SER A 198 -36.51 11.02 14.70
CA SER A 198 -36.63 10.06 15.77
C SER A 198 -35.95 10.49 17.02
N ASN A 199 -34.76 11.04 16.93
CA ASN A 199 -34.01 11.47 18.12
C ASN A 199 -34.13 12.95 18.37
N GLU A 200 -34.92 13.61 17.56
CA GLU A 200 -35.10 15.04 17.66
C GLU A 200 -33.75 15.77 17.68
N ARG A 201 -33.01 15.56 16.60
CA ARG A 201 -31.69 16.18 16.51
C ARG A 201 -31.38 16.55 15.08
N GLN A 202 -30.62 17.63 14.91
CA GLN A 202 -30.18 18.03 13.58
C GLN A 202 -28.66 17.88 13.52
N VAL A 203 -28.16 17.32 12.42
CA VAL A 203 -26.72 17.17 12.27
C VAL A 203 -26.39 17.57 10.84
N ILE A 204 -25.19 18.12 10.70
CA ILE A 204 -24.73 18.53 9.39
C ILE A 204 -23.50 17.69 9.03
N ASP A 205 -23.62 16.89 7.97
CA ASP A 205 -22.49 16.08 7.49
C ASP A 205 -21.78 16.79 6.34
N ILE A 206 -20.47 16.96 6.50
CA ILE A 206 -19.65 17.66 5.50
C ILE A 206 -19.00 16.66 4.54
N ILE A 207 -19.10 16.95 3.25
CA ILE A 207 -18.50 16.11 2.21
C ILE A 207 -17.30 16.83 1.54
N PRO A 208 -16.12 16.16 1.47
CA PRO A 208 -14.97 16.83 0.84
C PRO A 208 -15.15 17.02 -0.68
N ARG A 209 -14.44 17.97 -1.26
CA ARG A 209 -14.52 18.17 -2.71
C ARG A 209 -13.94 16.91 -3.42
N GLY A 210 -14.46 16.64 -4.63
CA GLY A 210 -13.96 15.51 -5.41
C GLY A 210 -14.70 14.21 -5.38
N LEU A 211 -15.68 14.07 -4.49
CA LEU A 211 -16.45 12.86 -4.35
C LEU A 211 -17.81 13.02 -5.00
N GLU A 212 -18.42 11.89 -5.38
CA GLU A 212 -19.72 11.98 -6.00
C GLU A 212 -20.83 11.66 -5.01
N LEU A 213 -21.74 12.61 -4.87
CA LEU A 213 -22.90 12.51 -3.99
C LEU A 213 -23.85 11.45 -4.43
N LEU A 214 -24.39 10.70 -3.49
CA LEU A 214 -25.37 9.69 -3.82
C LEU A 214 -26.77 10.02 -3.29
N VAL A 215 -26.93 11.15 -2.62
CA VAL A 215 -28.22 11.41 -2.01
C VAL A 215 -28.82 12.70 -2.47
N SER A 216 -30.12 12.87 -2.20
CA SER A 216 -30.83 14.11 -2.59
C SER A 216 -31.65 14.62 -1.42
N GLU A 217 -31.99 15.91 -1.46
CA GLU A 217 -32.85 16.51 -0.46
C GLU A 217 -34.14 15.73 -0.39
N GLY A 218 -34.72 15.65 0.80
CA GLY A 218 -35.95 14.91 0.93
C GLY A 218 -35.78 13.42 1.02
N GLU A 219 -34.55 12.96 0.82
CA GLU A 219 -34.29 11.53 0.92
C GLU A 219 -34.09 11.07 2.36
N SER A 220 -34.63 9.89 2.70
CA SER A 220 -34.50 9.27 4.01
C SER A 220 -33.28 8.42 4.01
N ILE A 221 -32.50 8.48 5.07
CA ILE A 221 -31.30 7.65 5.10
C ILE A 221 -31.12 7.09 6.48
N LYS A 222 -30.31 6.04 6.55
CA LYS A 222 -29.99 5.38 7.79
C LYS A 222 -28.63 5.79 8.29
N LEU A 223 -28.41 5.61 9.58
CA LEU A 223 -27.10 5.90 10.16
C LEU A 223 -26.07 5.02 9.45
N ASP A 224 -24.92 5.59 9.13
CA ASP A 224 -23.88 4.85 8.41
C ASP A 224 -24.11 4.64 6.93
N GLN A 225 -25.27 5.00 6.42
CA GLN A 225 -25.52 4.79 5.02
C GLN A 225 -24.55 5.68 4.27
N PRO A 226 -24.08 5.21 3.11
CA PRO A 226 -23.11 6.01 2.33
C PRO A 226 -23.75 7.26 1.74
N LEU A 227 -23.06 8.38 1.85
CA LEU A 227 -23.55 9.60 1.24
C LEU A 227 -22.88 9.82 -0.12
N THR A 228 -21.77 9.10 -0.35
CA THR A 228 -20.97 9.23 -1.59
C THR A 228 -20.63 7.84 -2.09
N SER A 229 -20.22 7.75 -3.33
CA SER A 229 -19.75 6.47 -3.81
C SER A 229 -18.32 6.37 -3.24
N ASN A 230 -17.73 5.19 -3.27
CA ASN A 230 -16.38 5.06 -2.77
C ASN A 230 -15.50 5.48 -3.90
N PRO A 231 -14.75 6.57 -3.73
CA PRO A 231 -13.86 7.04 -4.78
C PRO A 231 -12.60 6.18 -5.01
N ASN A 232 -12.28 5.30 -4.08
CA ASN A 232 -10.99 4.53 -4.14
C ASN A 232 -10.83 3.63 -5.37
N VAL A 233 -9.81 3.90 -6.16
CA VAL A 233 -9.54 3.05 -7.33
C VAL A 233 -8.30 2.18 -7.15
N GLY A 234 -7.56 2.43 -6.06
CA GLY A 234 -6.32 1.71 -5.78
C GLY A 234 -6.47 0.46 -4.96
N GLY A 235 -5.40 0.01 -4.32
CA GLY A 235 -5.52 -1.20 -3.50
C GLY A 235 -4.19 -1.80 -3.03
N PHE A 236 -4.27 -2.58 -1.95
CA PHE A 236 -3.10 -3.25 -1.40
C PHE A 236 -3.22 -4.77 -1.53
N GLY A 237 -2.10 -5.44 -1.80
CA GLY A 237 -2.14 -6.89 -1.92
C GLY A 237 -0.84 -7.45 -1.38
N GLN A 238 -0.83 -8.75 -1.13
CA GLN A 238 0.35 -9.39 -0.54
C GLN A 238 0.70 -10.62 -1.33
N GLY A 239 1.95 -11.00 -1.27
CA GLY A 239 2.30 -12.23 -1.92
C GLY A 239 3.44 -12.84 -1.17
N ASP A 240 3.72 -14.10 -1.45
CA ASP A 240 4.87 -14.75 -0.84
C ASP A 240 5.50 -15.71 -1.81
N ALA A 241 6.70 -16.13 -1.46
CA ALA A 241 7.47 -17.02 -2.30
C ALA A 241 8.40 -17.81 -1.38
N GLU A 242 9.12 -18.77 -1.96
CA GLU A 242 10.05 -19.59 -1.20
C GLU A 242 11.28 -19.77 -2.04
N ILE A 243 12.46 -19.65 -1.44
CA ILE A 243 13.67 -19.81 -2.21
C ILE A 243 14.62 -20.72 -1.48
N VAL A 244 15.30 -21.57 -2.23
CA VAL A 244 16.30 -22.47 -1.67
C VAL A 244 17.67 -21.82 -1.68
N LEU A 245 18.32 -21.74 -0.51
CA LEU A 245 19.70 -21.25 -0.50
C LEU A 245 20.47 -22.55 -0.79
N GLN A 246 20.94 -22.67 -2.01
CA GLN A 246 21.56 -23.89 -2.47
C GLN A 246 23.00 -24.20 -2.08
N ASP A 247 23.22 -25.43 -1.65
CA ASP A 247 24.57 -25.85 -1.28
C ASP A 247 25.39 -25.92 -2.58
N PRO A 248 26.53 -25.21 -2.64
CA PRO A 248 27.31 -25.25 -3.88
C PRO A 248 27.72 -26.68 -4.25
N LEU A 249 27.87 -27.55 -3.25
CA LEU A 249 28.21 -28.95 -3.53
C LEU A 249 27.00 -29.61 -4.14
N ARG A 250 25.84 -29.22 -3.61
CA ARG A 250 24.53 -29.75 -3.99
C ARG A 250 24.26 -31.04 -3.24
#